data_7O3P
#
_entry.id   7O3P
#
_cell.length_a   82.396
_cell.length_b   112.351
_cell.length_c   62.622
_cell.angle_alpha   90.000
_cell.angle_beta   90.000
_cell.angle_gamma   90.000
#
_symmetry.space_group_name_H-M   'C 2 2 21'
#
loop_
_entity.id
_entity.type
_entity.pdbx_description
1 polymer '14-3-3 protein sigma'
2 polymer 'Transcription factor p65'
3 non-polymer 'CHLORIDE ION'
4 non-polymer 'CALCIUM ION'
5 non-polymer GLYCEROL
6 non-polymer DI(HYDROXYETHYL)ETHER
7 non-polymer 2-chloranyl-6-methoxy-1-(4-methylphenyl)sulfonyl-benzimidazole
8 water water
#
loop_
_entity_poly.entity_id
_entity_poly.type
_entity_poly.pdbx_seq_one_letter_code
_entity_poly.pdbx_strand_id
1 'polypeptide(L)'
;GAMGSMERASLIQKAKLAEQAERYEDMAAFMKGAVEKGEELS(CSO)EERNLLSVAYKNVVGGQRAAWRVLSSIEQKSNE
EGSEEKGPEVREYREKVETELQGVCDTVLGLLDSHLIKEAGDAESRVFYLKMKGDYYRYLAEVATGDDKKRIIDSARSAY
QEAMDISKKEMPPTNPIRLGLALNFSVFHYEIANSPEEAISLAKTTFDEAMADLHTLSEDSYKDSTLIMQLLRDNLTLWT
;
A
2 'polypeptide(L)' EGRSAG(SEP)IPGRRS P
#
loop_
_chem_comp.id
_chem_comp.type
_chem_comp.name
_chem_comp.formula
CA non-polymer 'CALCIUM ION' 'Ca 2'
CL non-polymer 'CHLORIDE ION' 'Cl -1'
GOL non-polymer GLYCEROL 'C3 H8 O3'
PEG non-polymer DI(HYDROXYETHYL)ETHER 'C4 H10 O3'
V1K non-polymer 2-chloranyl-6-methoxy-1-(4-methylphenyl)sulfonyl-benzimidazole 'C15 H13 Cl N2 O3 S'
#
# COMPACT_ATOMS: atom_id res chain seq x y z
N MET A 3 13.38 11.82 -15.52
CA MET A 3 14.21 12.48 -14.52
C MET A 3 15.64 12.05 -14.69
N GLY A 4 15.98 11.51 -15.87
CA GLY A 4 17.27 10.93 -16.10
C GLY A 4 18.45 11.88 -15.92
N SER A 5 18.23 13.18 -16.13
N SER A 5 18.22 13.18 -16.13
CA SER A 5 19.34 14.12 -16.02
CA SER A 5 19.30 14.15 -16.03
C SER A 5 19.49 14.72 -14.64
C SER A 5 19.49 14.73 -14.64
N MET A 6 18.60 14.42 -13.70
CA MET A 6 18.71 14.95 -12.35
C MET A 6 19.43 13.99 -11.42
N GLU A 7 20.31 14.55 -10.59
CA GLU A 7 21.04 13.72 -9.61
C GLU A 7 20.08 12.97 -8.69
N ARG A 8 20.47 11.74 -8.31
CA ARG A 8 19.69 10.98 -7.34
C ARG A 8 19.41 11.80 -6.07
N ALA A 9 20.44 12.42 -5.51
CA ALA A 9 20.24 13.09 -4.23
C ALA A 9 19.30 14.29 -4.38
N SER A 10 19.34 14.95 -5.54
CA SER A 10 18.44 16.08 -5.82
C SER A 10 16.99 15.62 -5.99
N LEU A 11 16.78 14.46 -6.63
CA LEU A 11 15.43 13.89 -6.70
C LEU A 11 14.89 13.60 -5.30
N ILE A 12 15.71 13.04 -4.42
CA ILE A 12 15.25 12.75 -3.07
C ILE A 12 14.94 14.03 -2.31
N GLN A 13 15.82 15.03 -2.44
CA GLN A 13 15.57 16.31 -1.78
C GLN A 13 14.27 16.93 -2.29
N LYS A 14 14.05 16.91 -3.61
CA LYS A 14 12.82 17.49 -4.18
C LYS A 14 11.59 16.67 -3.80
N ALA A 15 11.70 15.35 -3.62
CA ALA A 15 10.56 14.59 -3.15
C ALA A 15 10.15 15.05 -1.75
N LYS A 16 11.13 15.36 -0.89
CA LYS A 16 10.80 15.84 0.45
C LYS A 16 10.15 17.21 0.39
N LEU A 17 10.66 18.09 -0.47
CA LEU A 17 10.02 19.40 -0.66
C LEU A 17 8.59 19.25 -1.19
N ALA A 18 8.41 18.36 -2.17
CA ALA A 18 7.08 18.15 -2.74
C ALA A 18 6.11 17.64 -1.67
N GLU A 19 6.57 16.77 -0.76
CA GLU A 19 5.70 16.35 0.33
C GLU A 19 5.29 17.55 1.19
N GLN A 20 6.24 18.42 1.54
CA GLN A 20 5.91 19.60 2.35
C GLN A 20 4.90 20.49 1.65
N ALA A 21 4.99 20.60 0.32
CA ALA A 21 4.13 21.44 -0.50
C ALA A 21 2.81 20.74 -0.88
N GLU A 22 2.64 19.50 -0.42
CA GLU A 22 1.46 18.69 -0.76
C GLU A 22 1.30 18.52 -2.26
N ARG A 23 2.42 18.33 -2.95
CA ARG A 23 2.49 18.14 -4.41
C ARG A 23 2.84 16.67 -4.63
N TYR A 24 1.85 15.80 -4.44
CA TYR A 24 2.13 14.38 -4.42
C TYR A 24 2.40 13.77 -5.79
N GLU A 25 1.80 14.31 -6.84
CA GLU A 25 2.16 13.85 -8.18
C GLU A 25 3.64 14.14 -8.46
N ASP A 26 4.08 15.36 -8.15
CA ASP A 26 5.51 15.67 -8.29
C ASP A 26 6.33 14.73 -7.42
N MET A 27 5.90 14.52 -6.19
CA MET A 27 6.64 13.65 -5.27
C MET A 27 6.83 12.26 -5.85
N ALA A 28 5.78 11.71 -6.45
CA ALA A 28 5.87 10.39 -7.03
C ALA A 28 6.78 10.38 -8.24
N ALA A 29 6.72 11.42 -9.08
CA ALA A 29 7.61 11.48 -10.24
C ALA A 29 9.09 11.58 -9.81
N PHE A 30 9.39 12.36 -8.77
CA PHE A 30 10.76 12.43 -8.28
C PHE A 30 11.20 11.07 -7.73
N MET A 31 10.33 10.38 -6.96
CA MET A 31 10.75 9.10 -6.39
C MET A 31 10.84 8.01 -7.48
N LYS A 32 9.99 8.05 -8.51
CA LYS A 32 10.16 7.16 -9.66
C LYS A 32 11.55 7.36 -10.30
N GLY A 33 11.89 8.63 -10.53
CA GLY A 33 13.22 8.96 -11.04
C GLY A 33 14.33 8.44 -10.15
N ALA A 34 14.16 8.54 -8.82
CA ALA A 34 15.20 8.04 -7.93
C ALA A 34 15.31 6.51 -8.03
N VAL A 35 14.18 5.80 -8.09
CA VAL A 35 14.26 4.34 -8.22
C VAL A 35 14.97 3.99 -9.51
N GLU A 36 14.64 4.71 -10.60
CA GLU A 36 15.22 4.36 -11.88
C GLU A 36 16.71 4.66 -12.00
N LYS A 37 17.31 5.28 -10.99
CA LYS A 37 18.75 5.34 -10.92
C LYS A 37 19.39 3.97 -10.73
N GLY A 38 18.64 2.97 -10.25
CA GLY A 38 19.12 1.61 -10.21
C GLY A 38 19.69 1.18 -8.87
N GLU A 39 19.94 2.10 -7.95
N GLU A 39 19.91 2.10 -7.96
CA GLU A 39 20.45 1.73 -6.64
CA GLU A 39 20.44 1.76 -6.64
C GLU A 39 19.30 1.35 -5.71
C GLU A 39 19.31 1.37 -5.69
N GLU A 40 19.62 0.51 -4.73
CA GLU A 40 18.64 0.20 -3.69
C GLU A 40 18.23 1.47 -2.92
N LEU A 41 17.08 1.41 -2.25
CA LEU A 41 16.54 2.53 -1.49
C LEU A 41 16.76 2.27 -0.01
N SER A 42 17.13 3.32 0.72
CA SER A 42 17.20 3.25 2.18
C SER A 42 15.78 3.20 2.78
N CSO A 43 15.69 3.00 4.10
CA CSO A 43 14.42 2.95 4.77
CB CSO A 43 14.69 2.73 6.26
SG CSO A 43 13.19 2.71 7.27
C CSO A 43 13.64 4.26 4.54
O CSO A 43 12.45 4.23 4.17
OD CSO A 43 12.79 4.39 7.75
N GLU A 44 14.29 5.40 4.72
CA GLU A 44 13.61 6.68 4.52
C GLU A 44 13.15 6.87 3.08
N GLU A 45 13.99 6.46 2.13
CA GLU A 45 13.65 6.59 0.71
C GLU A 45 12.46 5.67 0.34
N ARG A 46 12.43 4.44 0.89
CA ARG A 46 11.26 3.57 0.65
C ARG A 46 10.00 4.23 1.16
N ASN A 47 10.05 4.88 2.33
CA ASN A 47 8.87 5.54 2.85
C ASN A 47 8.47 6.69 1.96
N LEU A 48 9.43 7.45 1.41
CA LEU A 48 9.05 8.52 0.49
C LEU A 48 8.33 7.99 -0.75
N LEU A 49 8.87 6.91 -1.32
CA LEU A 49 8.22 6.28 -2.47
C LEU A 49 6.80 5.89 -2.14
N SER A 50 6.62 5.21 -1.00
CA SER A 50 5.30 4.71 -0.64
C SER A 50 4.33 5.85 -0.34
N VAL A 51 4.75 6.86 0.42
CA VAL A 51 3.85 7.98 0.71
C VAL A 51 3.41 8.67 -0.58
N ALA A 52 4.35 8.88 -1.51
CA ALA A 52 4.01 9.61 -2.72
C ALA A 52 2.91 8.89 -3.48
N TYR A 53 3.11 7.60 -3.75
CA TYR A 53 2.14 6.88 -4.55
C TYR A 53 0.86 6.62 -3.77
N LYS A 54 0.91 6.49 -2.45
CA LYS A 54 -0.33 6.25 -1.71
C LYS A 54 -1.22 7.47 -1.80
N ASN A 55 -0.65 8.66 -1.77
CA ASN A 55 -1.44 9.86 -1.91
C ASN A 55 -1.99 10.00 -3.31
N VAL A 56 -1.19 9.69 -4.34
CA VAL A 56 -1.70 9.82 -5.72
C VAL A 56 -2.84 8.85 -5.94
N VAL A 57 -2.61 7.57 -5.65
N VAL A 57 -2.61 7.56 -5.66
CA VAL A 57 -3.67 6.60 -5.91
CA VAL A 57 -3.67 6.57 -5.88
C VAL A 57 -4.81 6.79 -4.93
C VAL A 57 -4.83 6.83 -4.94
N GLY A 58 -4.58 7.35 -3.74
CA GLY A 58 -5.67 7.56 -2.80
C GLY A 58 -6.65 8.60 -3.32
N GLY A 59 -6.16 9.64 -3.98
CA GLY A 59 -7.06 10.60 -4.61
C GLY A 59 -7.80 9.99 -5.76
N GLN A 60 -7.14 9.16 -6.57
CA GLN A 60 -7.81 8.49 -7.69
C GLN A 60 -8.89 7.54 -7.20
N ARG A 61 -8.59 6.76 -6.15
CA ARG A 61 -9.59 5.84 -5.62
C ARG A 61 -10.81 6.60 -5.08
N ALA A 62 -10.59 7.68 -4.37
CA ALA A 62 -11.70 8.45 -3.84
C ALA A 62 -12.56 9.00 -4.97
N ALA A 63 -11.95 9.47 -6.06
CA ALA A 63 -12.70 9.99 -7.19
C ALA A 63 -13.45 8.86 -7.89
N TRP A 64 -12.80 7.71 -8.06
CA TRP A 64 -13.45 6.55 -8.68
C TRP A 64 -14.67 6.13 -7.89
N ARG A 65 -14.58 6.15 -6.55
CA ARG A 65 -15.73 5.74 -5.74
C ARG A 65 -16.88 6.74 -5.89
N VAL A 66 -16.60 8.03 -5.96
CA VAL A 66 -17.66 9.03 -6.17
C VAL A 66 -18.36 8.77 -7.49
N LEU A 67 -17.57 8.59 -8.56
CA LEU A 67 -18.09 8.40 -9.90
C LEU A 67 -18.82 7.07 -10.02
N SER A 68 -18.29 6.01 -9.39
N SER A 68 -18.28 5.99 -9.43
CA SER A 68 -18.94 4.70 -9.43
CA SER A 68 -19.00 4.72 -9.47
C SER A 68 -20.31 4.77 -8.75
C SER A 68 -20.35 4.80 -8.77
N SER A 69 -20.42 5.52 -7.67
CA SER A 69 -21.69 5.66 -6.96
C SER A 69 -22.70 6.42 -7.81
N ILE A 70 -22.26 7.46 -8.49
CA ILE A 70 -23.17 8.21 -9.38
C ILE A 70 -23.63 7.32 -10.53
N GLU A 71 -22.72 6.53 -11.09
CA GLU A 71 -23.04 5.66 -12.22
C GLU A 71 -24.04 4.58 -11.81
N GLN A 72 -23.87 4.01 -10.61
CA GLN A 72 -24.79 2.97 -10.15
C GLN A 72 -26.18 3.55 -9.91
N LYS A 73 -26.25 4.78 -9.39
CA LYS A 73 -27.55 5.43 -9.24
C LYS A 73 -28.20 5.68 -10.59
N SER A 74 -27.43 6.09 -11.59
CA SER A 74 -27.97 6.32 -12.93
C SER A 74 -28.47 5.04 -13.59
N ASN A 75 -28.03 3.87 -13.12
CA ASN A 75 -28.45 2.59 -13.70
C ASN A 75 -29.51 1.88 -12.85
N GLY A 83 -27.04 9.69 -20.52
CA GLY A 83 -26.07 9.58 -21.58
C GLY A 83 -24.84 8.79 -21.15
N PRO A 84 -23.84 8.69 -22.02
CA PRO A 84 -22.63 7.93 -21.71
C PRO A 84 -21.62 8.65 -20.80
N GLU A 85 -21.87 9.89 -20.38
CA GLU A 85 -20.80 10.72 -19.81
C GLU A 85 -20.32 10.20 -18.47
N VAL A 86 -21.21 9.72 -17.60
CA VAL A 86 -20.76 9.27 -16.28
C VAL A 86 -19.88 8.04 -16.41
N ARG A 87 -20.33 7.07 -17.19
CA ARG A 87 -19.50 5.91 -17.46
C ARG A 87 -18.18 6.30 -18.13
N GLU A 88 -18.21 7.18 -19.13
CA GLU A 88 -16.97 7.57 -19.80
C GLU A 88 -15.99 8.19 -18.83
N TYR A 89 -16.47 9.04 -17.95
CA TYR A 89 -15.56 9.73 -17.05
C TYR A 89 -15.07 8.79 -15.93
N ARG A 90 -15.95 7.89 -15.41
CA ARG A 90 -15.48 6.87 -14.48
C ARG A 90 -14.42 6.00 -15.14
N GLU A 91 -14.59 5.67 -16.43
CA GLU A 91 -13.61 4.88 -17.14
C GLU A 91 -12.30 5.63 -17.29
N LYS A 92 -12.36 6.94 -17.53
CA LYS A 92 -11.12 7.71 -17.66
C LYS A 92 -10.34 7.69 -16.35
N VAL A 93 -11.02 7.96 -15.24
CA VAL A 93 -10.37 7.92 -13.93
C VAL A 93 -9.84 6.52 -13.65
N GLU A 94 -10.63 5.50 -13.97
CA GLU A 94 -10.20 4.13 -13.72
C GLU A 94 -8.95 3.79 -14.51
N THR A 95 -8.86 4.22 -15.77
CA THR A 95 -7.67 3.94 -16.57
C THR A 95 -6.45 4.65 -15.99
N GLU A 96 -6.63 5.86 -15.49
N GLU A 96 -6.64 5.87 -15.51
CA GLU A 96 -5.50 6.59 -14.92
CA GLU A 96 -5.53 6.59 -14.92
C GLU A 96 -5.03 5.94 -13.63
C GLU A 96 -5.04 5.90 -13.66
N LEU A 97 -5.98 5.48 -12.82
CA LEU A 97 -5.64 4.74 -11.61
C LEU A 97 -4.89 3.46 -11.95
N GLN A 98 -5.39 2.68 -12.92
CA GLN A 98 -4.70 1.47 -13.31
C GLN A 98 -3.29 1.78 -13.79
N GLY A 99 -3.12 2.87 -14.52
CA GLY A 99 -1.80 3.23 -14.98
C GLY A 99 -0.83 3.53 -13.85
N VAL A 100 -1.27 4.22 -12.81
CA VAL A 100 -0.43 4.47 -11.65
C VAL A 100 -0.08 3.16 -10.94
N CYS A 101 -1.07 2.27 -10.75
CA CYS A 101 -0.79 0.99 -10.12
C CYS A 101 0.21 0.20 -10.94
N ASP A 102 0.05 0.16 -12.28
CA ASP A 102 0.99 -0.56 -13.14
C ASP A 102 2.36 0.07 -13.05
N THR A 103 2.44 1.38 -12.91
CA THR A 103 3.77 2.02 -12.77
C THR A 103 4.46 1.57 -11.50
N VAL A 104 3.75 1.59 -10.38
CA VAL A 104 4.34 1.15 -9.10
C VAL A 104 4.73 -0.31 -9.17
N LEU A 105 3.84 -1.16 -9.68
CA LEU A 105 4.18 -2.56 -9.81
C LEU A 105 5.40 -2.74 -10.68
N GLY A 106 5.52 -1.93 -11.75
CA GLY A 106 6.69 -2.05 -12.61
C GLY A 106 7.98 -1.67 -11.91
N LEU A 107 7.93 -0.67 -11.02
CA LEU A 107 9.14 -0.34 -10.26
C LEU A 107 9.49 -1.48 -9.33
N LEU A 108 8.49 -2.09 -8.69
CA LEU A 108 8.80 -3.18 -7.79
C LEU A 108 9.39 -4.35 -8.55
N ASP A 109 8.91 -4.61 -9.77
CA ASP A 109 9.40 -5.73 -10.56
C ASP A 109 10.70 -5.41 -11.30
N SER A 110 11.06 -4.13 -11.41
CA SER A 110 12.25 -3.71 -12.17
C SER A 110 12.95 -2.56 -11.45
N HIS A 111 13.73 -2.83 -10.41
CA HIS A 111 14.08 -4.18 -9.94
C HIS A 111 14.13 -4.21 -8.42
N LEU A 112 13.19 -3.50 -7.77
CA LEU A 112 13.31 -3.32 -6.32
C LEU A 112 13.22 -4.64 -5.54
N ILE A 113 12.21 -5.48 -5.83
CA ILE A 113 12.05 -6.71 -5.05
C ILE A 113 13.24 -7.64 -5.24
N LYS A 114 13.70 -7.84 -6.48
CA LYS A 114 14.74 -8.84 -6.66
C LYS A 114 16.03 -8.45 -5.97
N GLU A 115 16.29 -7.16 -5.78
CA GLU A 115 17.51 -6.76 -5.10
C GLU A 115 17.32 -6.61 -3.60
N ALA A 116 16.12 -6.83 -3.07
CA ALA A 116 15.84 -6.61 -1.63
C ALA A 116 16.09 -7.92 -0.87
N GLY A 117 17.16 -7.96 -0.10
CA GLY A 117 17.57 -9.14 0.65
C GLY A 117 17.28 -9.05 2.13
N ASP A 118 17.29 -7.84 2.68
CA ASP A 118 17.00 -7.76 4.09
C ASP A 118 15.50 -7.88 4.30
N ALA A 119 15.09 -8.41 5.44
CA ALA A 119 13.65 -8.61 5.67
C ALA A 119 12.90 -7.29 5.65
N GLU A 120 13.48 -6.21 6.18
CA GLU A 120 12.73 -4.97 6.23
C GLU A 120 12.46 -4.42 4.84
N SER A 121 13.40 -4.57 3.91
CA SER A 121 13.12 -4.05 2.58
C SER A 121 12.23 -5.00 1.82
N ARG A 122 12.47 -6.30 1.91
CA ARG A 122 11.72 -7.26 1.11
C ARG A 122 10.25 -7.31 1.52
N VAL A 123 10.00 -7.33 2.84
CA VAL A 123 8.61 -7.27 3.32
C VAL A 123 7.96 -5.96 2.91
N PHE A 124 8.68 -4.83 3.02
CA PHE A 124 8.08 -3.55 2.62
C PHE A 124 7.62 -3.58 1.17
N TYR A 125 8.47 -4.09 0.27
CA TYR A 125 8.12 -4.05 -1.15
C TYR A 125 7.04 -5.06 -1.48
N LEU A 126 7.03 -6.21 -0.83
CA LEU A 126 6.00 -7.20 -1.09
C LEU A 126 4.66 -6.73 -0.56
N LYS A 127 4.63 -6.02 0.57
CA LYS A 127 3.40 -5.39 1.04
C LYS A 127 2.91 -4.37 0.02
N MET A 128 3.83 -3.54 -0.53
CA MET A 128 3.40 -2.60 -1.57
C MET A 128 2.80 -3.36 -2.77
N LYS A 129 3.45 -4.46 -3.21
CA LYS A 129 2.94 -5.24 -4.31
C LYS A 129 1.52 -5.72 -4.02
N GLY A 130 1.28 -6.23 -2.82
CA GLY A 130 -0.07 -6.63 -2.45
C GLY A 130 -1.04 -5.47 -2.47
N ASP A 131 -0.64 -4.31 -1.96
CA ASP A 131 -1.52 -3.15 -1.92
C ASP A 131 -1.91 -2.69 -3.32
N TYR A 132 -0.93 -2.64 -4.25
CA TYR A 132 -1.27 -2.08 -5.56
C TYR A 132 -2.06 -3.09 -6.41
N TYR A 133 -1.84 -4.39 -6.24
CA TYR A 133 -2.77 -5.35 -6.82
C TYR A 133 -4.15 -5.24 -6.18
N ARG A 134 -4.22 -4.97 -4.88
CA ARG A 134 -5.51 -4.78 -4.24
C ARG A 134 -6.24 -3.58 -4.85
N TYR A 135 -5.55 -2.46 -5.09
CA TYR A 135 -6.22 -1.33 -5.71
C TYR A 135 -6.67 -1.68 -7.13
N LEU A 136 -5.88 -2.45 -7.90
CA LEU A 136 -6.37 -2.97 -9.18
C LEU A 136 -7.63 -3.82 -9.00
N ALA A 137 -7.66 -4.65 -7.94
CA ALA A 137 -8.80 -5.56 -7.74
C ALA A 137 -10.06 -4.76 -7.44
N GLU A 138 -9.93 -3.63 -6.75
CA GLU A 138 -11.10 -2.82 -6.37
C GLU A 138 -11.90 -2.38 -7.59
N VAL A 139 -11.24 -2.17 -8.74
CA VAL A 139 -11.89 -1.71 -9.97
C VAL A 139 -12.04 -2.79 -11.01
N ALA A 140 -11.54 -3.99 -10.75
CA ALA A 140 -11.58 -5.05 -11.74
C ALA A 140 -12.94 -5.75 -11.75
N THR A 141 -13.30 -6.25 -12.93
CA THR A 141 -14.57 -6.94 -13.10
C THR A 141 -14.37 -8.27 -13.82
N GLY A 142 -14.72 -9.36 -13.15
CA GLY A 142 -14.93 -10.66 -13.79
C GLY A 142 -13.82 -11.65 -13.45
N ASP A 143 -13.44 -12.45 -14.46
CA ASP A 143 -12.32 -13.38 -14.28
C ASP A 143 -10.99 -12.62 -14.22
N ASP A 144 -10.89 -11.47 -14.89
CA ASP A 144 -9.74 -10.61 -14.67
C ASP A 144 -9.53 -10.36 -13.18
N LYS A 145 -10.63 -10.07 -12.49
CA LYS A 145 -10.57 -9.88 -11.05
C LYS A 145 -9.89 -11.07 -10.39
N LYS A 146 -10.14 -12.29 -10.87
CA LYS A 146 -9.65 -13.46 -10.11
C LYS A 146 -8.14 -13.50 -10.11
N ARG A 147 -7.51 -13.28 -11.28
CA ARG A 147 -6.06 -13.40 -11.32
C ARG A 147 -5.43 -12.22 -10.58
N ILE A 148 -6.05 -11.04 -10.66
CA ILE A 148 -5.53 -9.87 -9.92
C ILE A 148 -5.61 -10.12 -8.42
N ILE A 149 -6.75 -10.66 -7.95
CA ILE A 149 -6.92 -10.99 -6.56
C ILE A 149 -5.87 -11.99 -6.12
N ASP A 150 -5.61 -13.02 -6.94
CA ASP A 150 -4.58 -13.97 -6.53
C ASP A 150 -3.20 -13.35 -6.48
N SER A 151 -2.91 -12.42 -7.37
CA SER A 151 -1.62 -11.76 -7.34
C SER A 151 -1.47 -10.95 -6.05
N ALA A 152 -2.52 -10.25 -5.63
CA ALA A 152 -2.45 -9.55 -4.34
C ALA A 152 -2.21 -10.54 -3.20
N ARG A 153 -3.00 -11.62 -3.18
N ARG A 153 -3.00 -11.62 -3.18
CA ARG A 153 -2.89 -12.59 -2.08
CA ARG A 153 -2.89 -12.59 -2.10
C ARG A 153 -1.49 -13.19 -2.02
C ARG A 153 -1.49 -13.19 -2.03
N SER A 154 -0.93 -13.54 -3.18
CA SER A 154 0.38 -14.16 -3.21
C SER A 154 1.46 -13.23 -2.68
N ALA A 155 1.42 -11.94 -3.05
CA ALA A 155 2.41 -10.98 -2.56
C ALA A 155 2.30 -10.80 -1.05
N TYR A 156 1.05 -10.61 -0.58
CA TYR A 156 0.84 -10.48 0.88
C TYR A 156 1.30 -11.72 1.63
N GLN A 157 1.02 -12.90 1.09
CA GLN A 157 1.38 -14.14 1.79
C GLN A 157 2.89 -14.29 1.86
N GLU A 158 3.62 -13.99 0.78
CA GLU A 158 5.07 -14.10 0.88
C GLU A 158 5.60 -13.12 1.91
N ALA A 159 5.05 -11.90 1.94
CA ALA A 159 5.48 -10.90 2.93
C ALA A 159 5.17 -11.37 4.33
N MET A 160 3.99 -11.98 4.54
CA MET A 160 3.63 -12.50 5.85
C MET A 160 4.60 -13.58 6.29
N ASP A 161 4.92 -14.48 5.37
CA ASP A 161 5.80 -15.59 5.75
C ASP A 161 7.18 -15.07 6.19
N ILE A 162 7.75 -14.13 5.44
CA ILE A 162 9.03 -13.55 5.84
C ILE A 162 8.90 -12.81 7.16
N SER A 163 7.83 -11.99 7.32
CA SER A 163 7.70 -11.16 8.52
C SER A 163 7.59 -12.02 9.78
N LYS A 164 6.92 -13.18 9.66
CA LYS A 164 6.75 -13.99 10.88
C LYS A 164 8.03 -14.68 11.25
N LYS A 165 8.91 -14.96 10.29
CA LYS A 165 10.19 -15.58 10.57
C LYS A 165 11.24 -14.59 11.02
N GLU A 166 11.19 -13.34 10.50
CA GLU A 166 12.31 -12.43 10.62
C GLU A 166 12.07 -11.18 11.44
N MET A 167 10.82 -10.88 11.81
CA MET A 167 10.57 -9.64 12.51
C MET A 167 9.79 -9.92 13.79
N PRO A 168 9.96 -9.11 14.82
CA PRO A 168 9.14 -9.29 16.04
C PRO A 168 7.71 -8.89 15.76
N PRO A 169 6.78 -9.38 16.58
CA PRO A 169 5.37 -9.13 16.30
C PRO A 169 4.95 -7.69 16.46
N THR A 170 5.78 -6.81 17.06
CA THR A 170 5.47 -5.40 17.15
C THR A 170 6.09 -4.58 16.03
N ASN A 171 6.86 -5.18 15.12
CA ASN A 171 7.52 -4.38 14.09
C ASN A 171 6.45 -3.63 13.28
N PRO A 172 6.55 -2.30 13.11
CA PRO A 172 5.49 -1.57 12.43
C PRO A 172 5.22 -2.01 11.00
N ILE A 173 6.25 -2.46 10.26
CA ILE A 173 5.99 -2.97 8.91
C ILE A 173 5.19 -4.26 8.99
N ARG A 174 5.59 -5.17 9.87
CA ARG A 174 4.84 -6.41 10.09
C ARG A 174 3.39 -6.12 10.48
N LEU A 175 3.18 -5.13 11.36
CA LEU A 175 1.83 -4.77 11.78
C LEU A 175 1.02 -4.19 10.64
N GLY A 176 1.60 -3.28 9.86
CA GLY A 176 0.86 -2.65 8.77
C GLY A 176 0.55 -3.64 7.67
N LEU A 177 1.49 -4.56 7.42
CA LEU A 177 1.22 -5.66 6.48
C LEU A 177 0.03 -6.48 6.92
N ALA A 178 0.00 -6.88 8.19
CA ALA A 178 -1.13 -7.67 8.70
C ALA A 178 -2.42 -6.91 8.63
N LEU A 179 -2.38 -5.63 8.99
CA LEU A 179 -3.57 -4.78 8.87
C LEU A 179 -4.10 -4.79 7.44
N ASN A 180 -3.23 -4.49 6.48
CA ASN A 180 -3.67 -4.38 5.09
C ASN A 180 -4.10 -5.73 4.53
N PHE A 181 -3.42 -6.84 4.90
CA PHE A 181 -3.87 -8.16 4.45
C PHE A 181 -5.23 -8.50 5.03
N SER A 182 -5.48 -8.07 6.27
N SER A 182 -5.50 -8.05 6.26
CA SER A 182 -6.78 -8.27 6.87
CA SER A 182 -6.83 -8.30 6.82
C SER A 182 -7.88 -7.50 6.12
C SER A 182 -7.88 -7.53 6.05
N VAL A 183 -7.57 -6.29 5.64
CA VAL A 183 -8.51 -5.52 4.81
C VAL A 183 -8.72 -6.19 3.47
N PHE A 184 -7.65 -6.72 2.86
CA PHE A 184 -7.78 -7.52 1.65
C PHE A 184 -8.79 -8.67 1.89
N HIS A 185 -8.64 -9.41 3.02
CA HIS A 185 -9.55 -10.53 3.25
C HIS A 185 -10.98 -10.06 3.35
N TYR A 186 -11.19 -8.98 4.09
CA TYR A 186 -12.56 -8.50 4.35
C TYR A 186 -13.19 -7.89 3.10
N GLU A 187 -12.44 -7.06 2.38
CA GLU A 187 -13.01 -6.19 1.35
C GLU A 187 -12.92 -6.80 -0.03
N ILE A 188 -11.91 -7.60 -0.29
CA ILE A 188 -11.63 -8.08 -1.64
C ILE A 188 -11.95 -9.56 -1.77
N ALA A 189 -11.49 -10.37 -0.80
CA ALA A 189 -11.55 -11.82 -0.90
C ALA A 189 -12.83 -12.40 -0.33
N ASN A 190 -13.73 -11.58 0.17
CA ASN A 190 -14.99 -12.07 0.75
C ASN A 190 -14.72 -13.09 1.85
N SER A 191 -13.70 -12.83 2.69
CA SER A 191 -13.29 -13.72 3.77
C SER A 191 -13.30 -12.94 5.07
N PRO A 192 -14.46 -12.44 5.51
CA PRO A 192 -14.46 -11.65 6.76
C PRO A 192 -13.97 -12.42 7.97
N GLU A 193 -14.20 -13.71 8.06
CA GLU A 193 -13.72 -14.43 9.23
C GLU A 193 -12.19 -14.50 9.24
N GLU A 194 -11.56 -14.70 8.08
CA GLU A 194 -10.12 -14.67 8.00
C GLU A 194 -9.58 -13.30 8.38
N ALA A 195 -10.29 -12.25 7.96
CA ALA A 195 -9.86 -10.88 8.30
C ALA A 195 -9.90 -10.66 9.79
N ILE A 196 -10.97 -11.08 10.45
CA ILE A 196 -11.11 -10.90 11.88
C ILE A 196 -10.10 -11.74 12.63
N SER A 197 -9.88 -12.99 12.23
CA SER A 197 -8.89 -13.83 12.88
C SER A 197 -7.49 -13.23 12.77
N LEU A 198 -7.12 -12.80 11.57
CA LEU A 198 -5.78 -12.23 11.39
C LEU A 198 -5.62 -10.97 12.23
N ALA A 199 -6.62 -10.10 12.25
CA ALA A 199 -6.47 -8.87 13.02
C ALA A 199 -6.37 -9.16 14.51
N LYS A 200 -7.16 -10.12 15.02
CA LYS A 200 -7.13 -10.45 16.47
C LYS A 200 -5.81 -11.08 16.85
N THR A 201 -5.34 -12.05 16.07
CA THR A 201 -4.07 -12.70 16.38
C THR A 201 -2.90 -11.72 16.31
N THR A 202 -2.91 -10.85 15.30
CA THR A 202 -1.85 -9.85 15.18
C THR A 202 -1.87 -8.94 16.39
N PHE A 203 -3.06 -8.45 16.76
CA PHE A 203 -3.14 -7.54 17.90
C PHE A 203 -2.63 -8.22 19.16
N ASP A 204 -3.04 -9.44 19.42
CA ASP A 204 -2.71 -10.13 20.66
C ASP A 204 -1.23 -10.46 20.73
N GLU A 205 -0.64 -10.87 19.62
CA GLU A 205 0.78 -11.16 19.63
C GLU A 205 1.61 -9.90 19.77
N ALA A 206 1.14 -8.78 19.25
CA ALA A 206 1.85 -7.53 19.45
C ALA A 206 1.74 -7.08 20.90
N MET A 207 0.54 -7.17 21.47
CA MET A 207 0.36 -6.81 22.88
C MET A 207 1.38 -7.48 23.77
N ALA A 208 1.57 -8.76 23.57
CA ALA A 208 2.46 -9.57 24.38
C ALA A 208 3.93 -9.23 24.21
N ASP A 209 4.30 -8.49 23.16
CA ASP A 209 5.70 -8.14 22.90
C ASP A 209 5.97 -6.66 23.22
N LEU A 210 4.95 -5.87 23.61
CA LEU A 210 5.18 -4.45 23.89
C LEU A 210 6.17 -4.24 25.02
N HIS A 211 6.27 -5.17 25.98
CA HIS A 211 7.15 -4.98 27.14
C HIS A 211 8.62 -4.84 26.72
N THR A 212 8.96 -5.27 25.50
CA THR A 212 10.35 -5.25 25.06
C THR A 212 10.78 -3.92 24.46
N LEU A 213 9.87 -2.98 24.27
CA LEU A 213 10.08 -1.81 23.47
C LEU A 213 10.41 -0.58 24.31
N SER A 214 11.15 0.33 23.69
CA SER A 214 11.35 1.67 24.21
C SER A 214 10.06 2.47 24.10
N GLU A 215 10.04 3.63 24.77
CA GLU A 215 8.89 4.52 24.73
C GLU A 215 8.54 4.90 23.29
N ASP A 216 9.54 5.21 22.46
CA ASP A 216 9.25 5.64 21.11
C ASP A 216 8.76 4.48 20.23
N SER A 217 9.38 3.30 20.35
CA SER A 217 8.89 2.13 19.61
C SER A 217 7.50 1.73 20.07
N TYR A 218 7.23 1.83 21.37
CA TYR A 218 5.89 1.55 21.90
C TYR A 218 4.86 2.45 21.24
N LYS A 219 5.16 3.73 21.09
CA LYS A 219 4.20 4.63 20.45
C LYS A 219 3.96 4.22 19.01
N ASP A 220 5.01 3.86 18.28
CA ASP A 220 4.84 3.47 16.88
C ASP A 220 3.97 2.23 16.77
N SER A 221 4.24 1.22 17.61
CA SER A 221 3.51 -0.04 17.49
C SER A 221 2.06 0.10 17.96
N THR A 222 1.83 0.80 19.08
CA THR A 222 0.47 0.94 19.59
C THR A 222 -0.40 1.75 18.64
N LEU A 223 0.19 2.67 17.87
CA LEU A 223 -0.62 3.42 16.91
C LEU A 223 -1.27 2.47 15.90
N ILE A 224 -0.50 1.52 15.38
CA ILE A 224 -1.04 0.60 14.37
C ILE A 224 -1.94 -0.42 15.02
N MET A 225 -1.62 -0.81 16.27
CA MET A 225 -2.51 -1.73 16.96
C MET A 225 -3.89 -1.12 17.10
N GLN A 226 -3.97 0.20 17.28
CA GLN A 226 -5.27 0.84 17.41
C GLN A 226 -6.05 0.77 16.10
N LEU A 227 -5.36 0.84 14.96
CA LEU A 227 -6.05 0.64 13.69
C LEU A 227 -6.61 -0.77 13.57
N LEU A 228 -5.86 -1.78 14.04
CA LEU A 228 -6.40 -3.13 14.04
C LEU A 228 -7.65 -3.20 14.92
N ARG A 229 -7.58 -2.59 16.11
CA ARG A 229 -8.74 -2.60 17.00
C ARG A 229 -9.92 -1.86 16.37
N ASP A 230 -9.65 -0.75 15.67
CA ASP A 230 -10.75 -0.01 15.05
C ASP A 230 -11.46 -0.86 14.01
N ASN A 231 -10.71 -1.64 13.22
CA ASN A 231 -11.35 -2.52 12.26
C ASN A 231 -12.10 -3.62 12.96
N LEU A 232 -11.50 -4.24 13.97
CA LEU A 232 -12.24 -5.27 14.70
C LEU A 232 -13.55 -4.74 15.25
N THR A 233 -13.55 -3.49 15.73
CA THR A 233 -14.80 -2.91 16.25
C THR A 233 -15.82 -2.75 15.14
N LEU A 234 -15.37 -2.36 13.95
CA LEU A 234 -16.33 -2.18 12.88
C LEU A 234 -16.83 -3.53 12.36
N TRP A 235 -16.01 -4.57 12.47
CA TRP A 235 -16.32 -5.86 11.85
C TRP A 235 -17.06 -6.80 12.79
N THR A 236 -17.14 -6.49 14.08
CA THR A 236 -17.74 -7.40 15.04
C THR A 236 -18.80 -6.68 15.90
N ALA B 5 -12.55 -2.12 5.98
CA ALA B 5 -12.53 -0.88 6.77
C ALA B 5 -11.33 -0.02 6.43
N GLY B 6 -10.45 0.20 7.40
CA GLY B 6 -9.29 1.03 7.17
C GLY B 6 -7.94 0.35 7.03
N SEP B 7 -7.26 0.61 5.91
CA SEP B 7 -5.88 0.20 5.74
CB SEP B 7 -5.59 0.08 4.24
OG SEP B 7 -5.77 1.37 3.70
C SEP B 7 -4.96 1.24 6.37
O SEP B 7 -5.40 2.28 6.87
P SEP B 7 -5.80 1.43 2.08
O1P SEP B 7 -5.90 2.98 1.79
O2P SEP B 7 -7.06 0.71 1.57
O3P SEP B 7 -4.49 0.83 1.54
N ILE B 8 -3.66 0.98 6.36
CA ILE B 8 -2.75 1.96 6.92
C ILE B 8 -2.84 3.24 6.07
N PRO B 9 -3.07 4.40 6.71
CA PRO B 9 -3.21 5.64 5.93
C PRO B 9 -2.01 5.87 5.02
N GLY B 10 -0.81 5.85 5.59
CA GLY B 10 0.40 5.80 4.80
C GLY B 10 0.62 7.02 3.93
N ARG B 11 0.03 8.15 4.29
CA ARG B 11 0.05 9.32 3.44
C ARG B 11 0.91 10.46 3.99
N ARG B 12 1.67 10.22 5.06
CA ARG B 12 2.54 11.22 5.65
C ARG B 12 3.87 10.54 6.03
N SER B 13 4.98 11.05 5.48
CA SER B 13 6.37 10.65 5.81
C SER B 13 7.44 11.21 4.89
CL CL C . 20.35 -6.10 -1.82
CL CL D . 12.57 20.92 -10.19
CA CA E . 25.04 10.96 -10.05
C1 GOL F . -9.39 -5.28 19.73
O1 GOL F . -8.33 -5.97 20.33
C2 GOL F . -10.68 -5.99 20.12
O2 GOL F . -11.77 -5.54 19.38
C3 GOL F . -10.35 -7.50 19.94
O3 GOL F . -11.56 -8.20 19.90
C1 PEG G . 16.78 20.98 -12.06
O1 PEG G . 16.19 21.39 -13.28
C2 PEG G . 17.43 19.63 -12.16
O2 PEG G . 18.67 19.74 -12.86
C3 PEG G . 19.04 18.53 -13.49
C4 PEG G . 18.18 18.28 -14.69
O4 PEG G . 18.79 18.77 -15.87
C02 V1K H . 2.43 -0.03 5.43
C03 V1K H . 2.91 0.76 6.64
C04 V1K H . 2.93 2.13 6.45
C05 V1K H . 3.36 2.94 7.47
C06 V1K H . 3.75 2.36 8.67
C09 V1K H . 7.01 3.06 9.47
C10 V1K H . 7.31 1.98 10.33
C11 V1K H . 8.60 1.43 10.40
C13 V1K H . 10.10 -0.30 11.15
C14 V1K H . 9.62 1.97 9.61
C15 V1K H . 9.33 3.04 8.76
C16 V1K H . 8.01 3.57 8.70
C18 V1K H . 6.16 4.71 8.28
C22 V1K H . 3.76 0.98 8.86
C23 V1K H . 3.33 0.15 7.83
N08 V1K H . 5.88 3.80 9.21
N17 V1K H . 7.46 4.60 7.98
O12 V1K H . 8.87 0.36 11.27
O20 V1K H . 3.45 4.68 9.99
O21 V1K H . 4.48 3.04 11.27
S07 V1K H . 4.34 3.52 9.91
CL1 V1K H . 5.03 5.93 7.58
#